data_4F4A
#
_entry.id   4F4A
#
_cell.length_a   71.830
_cell.length_b   121.510
_cell.length_c   113.170
_cell.angle_alpha   90.000
_cell.angle_beta   90.000
_cell.angle_gamma   90.000
#
_symmetry.space_group_name_H-M   'C 2 2 21'
#
loop_
_entity.id
_entity.type
_entity.pdbx_description
1 polymer 'Nucleoside diphosphate kinase'
2 non-polymer "URIDINE-5'-DIPHOSPHATE"
3 non-polymer 'MAGNESIUM ION'
4 water water
#
_entity_poly.entity_id   1
_entity_poly.type   'polypeptide(L)'
_entity_poly.pdbx_seq_one_letter_code
;GPGSMPSERTFIAVKPDGVQRNLVGEIIKRFENKGYKLVGLKLLQPTEEQAKQHYIDLASKPFYSGLVSYFSSGPIVGMV
WEGLGVVKGGRVLLGATNPADSLPGTIRGDFAVDVGRNVCHGSDSVESAKREIAFWFKAEELVSWTSHSVKQIYERA
;
_entity_poly.pdbx_strand_id   A,B,C
#
# COMPACT_ATOMS: atom_id res chain seq x y z
N PRO A 6 14.25 7.41 9.14
CA PRO A 6 12.89 6.96 8.84
C PRO A 6 11.74 7.95 9.16
N SER A 7 12.02 9.05 9.87
CA SER A 7 11.01 10.07 10.13
C SER A 7 10.91 11.15 9.02
N GLU A 8 11.68 11.04 7.95
CA GLU A 8 11.46 11.90 6.79
C GLU A 8 9.99 11.83 6.34
N ARG A 9 9.50 12.97 5.87
CA ARG A 9 8.11 13.09 5.41
C ARG A 9 8.01 13.75 4.04
N THR A 10 7.00 13.37 3.26
CA THR A 10 6.76 14.04 2.00
C THR A 10 5.27 14.29 1.82
N PHE A 11 4.96 15.28 0.98
CA PHE A 11 3.59 15.58 0.56
C PHE A 11 3.33 14.94 -0.79
N ILE A 12 2.29 14.12 -0.86
CA ILE A 12 1.82 13.49 -2.10
C ILE A 12 0.38 13.92 -2.31
N ALA A 13 0.02 14.26 -3.53
CA ALA A 13 -1.36 14.64 -3.84
C ALA A 13 -1.85 13.79 -5.01
N VAL A 14 -3.09 13.34 -4.94
CA VAL A 14 -3.82 12.90 -6.12
C VAL A 14 -4.47 14.18 -6.74
N LYS A 15 -4.05 14.51 -7.96
CA LYS A 15 -4.53 15.70 -8.63
C LYS A 15 -5.98 15.51 -9.07
N PRO A 16 -6.65 16.57 -9.55
CA PRO A 16 -8.07 16.44 -9.83
C PRO A 16 -8.43 15.36 -10.82
N ASP A 17 -7.55 15.11 -11.78
CA ASP A 17 -7.76 14.03 -12.76
C ASP A 17 -7.67 12.66 -12.12
N GLY A 18 -6.74 12.49 -11.20
CA GLY A 18 -6.63 11.24 -10.44
C GLY A 18 -7.85 10.93 -9.57
N VAL A 19 -8.41 11.97 -8.93
CA VAL A 19 -9.65 11.79 -8.15
C VAL A 19 -10.83 11.45 -9.08
N GLN A 20 -10.99 12.23 -10.15
CA GLN A 20 -12.04 11.99 -11.11
C GLN A 20 -12.01 10.59 -11.73
N ARG A 21 -10.79 10.10 -11.97
CA ARG A 21 -10.61 8.76 -12.57
C ARG A 21 -10.48 7.61 -11.54
N ASN A 22 -10.82 7.88 -10.28
CA ASN A 22 -10.94 6.85 -9.28
C ASN A 22 -9.61 6.14 -9.00
N LEU A 23 -8.53 6.93 -8.87
CA LEU A 23 -7.23 6.39 -8.60
C LEU A 23 -6.73 6.65 -7.16
N VAL A 24 -7.60 7.22 -6.29
CA VAL A 24 -7.20 7.52 -4.93
C VAL A 24 -6.79 6.27 -4.14
N GLY A 25 -7.67 5.26 -4.11
CA GLY A 25 -7.38 4.02 -3.43
C GLY A 25 -6.12 3.33 -3.96
N GLU A 26 -6.03 3.24 -5.28
CA GLU A 26 -4.87 2.63 -5.92
C GLU A 26 -3.58 3.32 -5.50
N ILE A 27 -3.56 4.64 -5.49
CA ILE A 27 -2.35 5.38 -5.16
C ILE A 27 -1.97 5.16 -3.69
N ILE A 28 -2.97 5.21 -2.81
CA ILE A 28 -2.72 4.99 -1.37
C ILE A 28 -2.15 3.58 -1.13
N LYS A 29 -2.74 2.59 -1.80
CA LYS A 29 -2.35 1.19 -1.69
C LYS A 29 -0.87 1.01 -2.02
N ARG A 30 -0.42 1.67 -3.06
CA ARG A 30 0.98 1.54 -3.47
C ARG A 30 1.96 2.07 -2.40
N PHE A 31 1.62 3.17 -1.78
CA PHE A 31 2.40 3.73 -0.70
C PHE A 31 2.36 2.84 0.57
N GLU A 32 1.17 2.34 0.92
CA GLU A 32 1.02 1.39 2.03
C GLU A 32 1.83 0.14 1.75
N ASN A 33 1.75 -0.38 0.53
CA ASN A 33 2.43 -1.61 0.18
C ASN A 33 3.94 -1.46 0.31
N LYS A 34 4.43 -0.28 -0.04
CA LYS A 34 5.87 0.00 -0.03
C LYS A 34 6.46 0.01 1.39
N GLY A 35 5.63 0.27 2.37
CA GLY A 35 6.11 0.35 3.73
C GLY A 35 6.08 1.74 4.31
N TYR A 36 5.60 2.71 3.55
CA TYR A 36 5.52 4.09 4.06
C TYR A 36 4.33 4.24 4.98
N LYS A 37 4.40 5.22 5.88
CA LYS A 37 3.37 5.41 6.88
C LYS A 37 2.56 6.67 6.59
N LEU A 38 1.23 6.51 6.58
CA LEU A 38 0.33 7.62 6.37
C LEU A 38 0.14 8.44 7.66
N VAL A 39 0.51 9.70 7.64
CA VAL A 39 0.39 10.55 8.79
C VAL A 39 -0.51 11.81 8.57
N GLY A 40 -0.97 12.00 7.34
CA GLY A 40 -1.95 13.03 7.06
C GLY A 40 -2.71 12.64 5.80
N LEU A 41 -4.01 12.93 5.78
CA LEU A 41 -4.83 12.58 4.65
C LEU A 41 -6.07 13.43 4.64
N LYS A 42 -6.34 14.08 3.52
CA LYS A 42 -7.57 14.82 3.38
C LYS A 42 -7.96 15.07 1.94
N LEU A 43 -9.26 15.26 1.76
CA LEU A 43 -9.85 15.65 0.53
C LEU A 43 -10.13 17.13 0.63
N LEU A 44 -9.73 17.90 -0.38
CA LEU A 44 -9.95 19.33 -0.33
C LEU A 44 -9.98 19.87 -1.76
N GLN A 45 -10.58 21.02 -1.88
CA GLN A 45 -10.68 21.71 -3.14
C GLN A 45 -9.70 22.86 -3.16
N PRO A 46 -8.57 22.74 -3.88
CA PRO A 46 -7.65 23.87 -3.84
C PRO A 46 -8.26 25.13 -4.44
N THR A 47 -7.90 26.29 -3.89
CA THR A 47 -8.25 27.56 -4.55
C THR A 47 -7.19 27.90 -5.59
N GLU A 48 -7.52 28.85 -6.47
CA GLU A 48 -6.57 29.24 -7.48
C GLU A 48 -5.32 29.83 -6.82
N GLU A 49 -5.52 30.61 -5.77
CA GLU A 49 -4.38 31.23 -5.10
C GLU A 49 -3.48 30.17 -4.47
N GLN A 50 -4.08 29.16 -3.87
CA GLN A 50 -3.31 28.05 -3.34
C GLN A 50 -2.48 27.35 -4.42
N ALA A 51 -3.08 27.09 -5.58
CA ALA A 51 -2.38 26.44 -6.70
C ALA A 51 -1.19 27.29 -7.15
N LYS A 52 -1.41 28.60 -7.24
CA LYS A 52 -0.37 29.53 -7.66
C LYS A 52 0.84 29.46 -6.73
N GLN A 53 0.58 29.46 -5.42
CA GLN A 53 1.68 29.42 -4.44
C GLN A 53 2.42 28.06 -4.44
N HIS A 54 1.65 26.99 -4.50
CA HIS A 54 2.19 25.65 -4.57
C HIS A 54 3.15 25.50 -5.73
N TYR A 55 2.81 26.12 -6.88
CA TYR A 55 3.62 26.04 -8.08
C TYR A 55 4.41 27.30 -8.38
N ILE A 56 4.64 28.12 -7.35
CA ILE A 56 5.20 29.48 -7.54
C ILE A 56 6.55 29.50 -8.32
N ASP A 57 7.40 28.51 -8.08
CA ASP A 57 8.68 28.38 -8.80
C ASP A 57 8.48 28.29 -10.30
N LEU A 58 7.31 27.86 -10.74
CA LEU A 58 7.03 27.70 -12.20
C LEU A 58 6.22 28.87 -12.82
N ALA A 59 6.12 29.98 -12.10
CA ALA A 59 5.33 31.17 -12.50
C ALA A 59 5.64 31.68 -13.90
N SER A 60 6.88 31.58 -14.33
CA SER A 60 7.27 32.11 -15.64
C SER A 60 7.08 31.11 -16.79
N LYS A 61 6.75 29.85 -16.46
CA LYS A 61 6.67 28.80 -17.48
C LYS A 61 5.36 28.94 -18.27
N PRO A 62 5.35 28.54 -19.54
CA PRO A 62 4.17 28.84 -20.37
C PRO A 62 2.93 28.00 -20.01
N PHE A 63 3.11 26.91 -19.28
CA PHE A 63 1.97 26.06 -18.89
C PHE A 63 1.39 26.46 -17.53
N TYR A 64 1.94 27.48 -16.89
CA TYR A 64 1.60 27.83 -15.49
C TYR A 64 0.14 28.16 -15.29
N SER A 65 -0.38 29.05 -16.11
CA SER A 65 -1.76 29.44 -15.98
C SER A 65 -2.73 28.24 -16.13
N GLY A 66 -2.43 27.35 -17.08
CA GLY A 66 -3.25 26.14 -17.28
C GLY A 66 -3.15 25.19 -16.09
N LEU A 67 -1.94 25.03 -15.57
CA LEU A 67 -1.69 24.18 -14.40
C LEU A 67 -2.43 24.66 -13.18
N VAL A 68 -2.34 25.96 -12.93
CA VAL A 68 -2.94 26.59 -11.76
C VAL A 68 -4.45 26.46 -11.82
N SER A 69 -5.00 26.69 -13.02
CA SER A 69 -6.44 26.59 -13.22
C SER A 69 -6.92 25.13 -13.04
N TYR A 70 -6.17 24.19 -13.60
CA TYR A 70 -6.58 22.79 -13.54
C TYR A 70 -6.46 22.23 -12.13
N PHE A 71 -5.38 22.58 -11.44
CA PHE A 71 -5.16 22.08 -10.10
C PHE A 71 -6.24 22.54 -9.12
N SER A 72 -6.84 23.70 -9.42
CA SER A 72 -7.92 24.24 -8.60
C SER A 72 -9.30 23.99 -9.16
N SER A 73 -9.41 23.14 -10.18
CA SER A 73 -10.72 22.93 -10.84
C SER A 73 -11.62 21.93 -10.14
N GLY A 74 -11.07 21.15 -9.21
CA GLY A 74 -11.86 20.14 -8.48
C GLY A 74 -11.06 19.58 -7.32
N PRO A 75 -11.60 18.59 -6.59
CA PRO A 75 -10.93 18.14 -5.38
C PRO A 75 -9.62 17.42 -5.67
N ILE A 76 -8.68 17.56 -4.75
CA ILE A 76 -7.50 16.71 -4.66
C ILE A 76 -7.54 15.93 -3.36
N VAL A 77 -6.73 14.87 -3.28
CA VAL A 77 -6.49 14.21 -2.03
C VAL A 77 -5.06 14.55 -1.65
N GLY A 78 -4.89 15.22 -0.52
CA GLY A 78 -3.55 15.53 -0.01
C GLY A 78 -3.15 14.49 1.00
N MET A 79 -1.87 14.12 0.97
CA MET A 79 -1.34 13.10 1.88
C MET A 79 0.02 13.50 2.40
N VAL A 80 0.32 13.09 3.62
CA VAL A 80 1.69 13.15 4.12
C VAL A 80 2.10 11.71 4.46
N TRP A 81 3.23 11.29 3.90
CA TRP A 81 3.80 9.98 4.13
C TRP A 81 5.11 10.07 4.80
N GLU A 82 5.37 9.12 5.69
CA GLU A 82 6.59 9.13 6.49
C GLU A 82 7.37 7.87 6.26
N GLY A 83 8.70 8.01 6.11
CA GLY A 83 9.58 6.85 5.96
C GLY A 83 10.96 7.21 5.44
N LEU A 84 11.88 6.26 5.56
CA LEU A 84 13.26 6.45 5.14
C LEU A 84 13.26 6.71 3.66
N GLY A 85 13.86 7.84 3.26
CA GLY A 85 13.99 8.19 1.84
C GLY A 85 12.64 8.40 1.13
N VAL A 86 11.58 8.71 1.88
CA VAL A 86 10.24 8.83 1.32
C VAL A 86 10.07 9.92 0.27
N VAL A 87 10.82 11.01 0.37
CA VAL A 87 10.68 12.06 -0.64
C VAL A 87 11.07 11.53 -2.02
N LYS A 88 12.30 11.02 -2.12
CA LYS A 88 12.80 10.43 -3.36
C LYS A 88 12.03 9.14 -3.73
N GLY A 89 11.74 8.31 -2.72
CA GLY A 89 11.06 7.05 -2.96
C GLY A 89 9.61 7.25 -3.41
N GLY A 90 8.94 8.23 -2.87
CA GLY A 90 7.59 8.58 -3.28
C GLY A 90 7.53 8.96 -4.74
N ARG A 91 8.49 9.78 -5.17
CA ARG A 91 8.58 10.15 -6.58
C ARG A 91 8.87 8.99 -7.51
N VAL A 92 9.67 8.04 -7.05
CA VAL A 92 9.89 6.82 -7.84
C VAL A 92 8.57 6.08 -8.03
N LEU A 93 7.75 6.00 -7.00
CA LEU A 93 6.46 5.32 -7.11
C LEU A 93 5.55 6.03 -8.12
N LEU A 94 5.60 7.34 -8.14
CA LEU A 94 4.77 8.13 -9.07
C LEU A 94 5.19 7.94 -10.52
N GLY A 95 6.49 7.87 -10.74
CA GLY A 95 7.06 7.78 -12.08
C GLY A 95 7.47 9.13 -12.60
N ALA A 96 8.17 9.13 -13.75
CA ALA A 96 8.62 10.40 -14.35
C ALA A 96 7.44 11.37 -14.51
N THR A 97 7.75 12.67 -14.41
CA THR A 97 6.76 13.76 -14.50
C THR A 97 5.89 13.74 -15.73
N ASN A 98 6.56 13.58 -16.85
CA ASN A 98 5.91 13.41 -18.13
C ASN A 98 5.63 11.92 -18.37
N PRO A 99 4.35 11.56 -18.41
CA PRO A 99 4.00 10.16 -18.57
C PRO A 99 4.63 9.48 -19.78
N ALA A 100 4.97 10.23 -20.84
CA ALA A 100 5.72 9.63 -21.96
C ALA A 100 7.03 8.97 -21.52
N ASP A 101 7.60 9.47 -20.43
CA ASP A 101 8.86 8.96 -19.92
C ASP A 101 8.65 7.95 -18.77
N SER A 102 7.43 7.83 -18.24
CA SER A 102 7.17 6.99 -17.07
C SER A 102 7.17 5.53 -17.47
N LEU A 103 7.68 4.67 -16.57
CA LEU A 103 7.71 3.25 -16.85
C LEU A 103 6.50 2.54 -16.24
N PRO A 104 6.03 1.50 -16.92
CA PRO A 104 5.05 0.61 -16.32
C PRO A 104 5.52 0.14 -14.97
N GLY A 105 4.58 -0.02 -14.06
CA GLY A 105 4.84 -0.30 -12.70
C GLY A 105 4.68 0.94 -11.86
N THR A 106 4.92 2.12 -12.43
CA THR A 106 4.73 3.35 -11.68
C THR A 106 3.29 3.83 -11.88
N ILE A 107 2.87 4.76 -11.03
CA ILE A 107 1.50 5.31 -11.12
C ILE A 107 1.26 5.99 -12.49
N ARG A 108 2.15 6.90 -12.88
CA ARG A 108 1.99 7.55 -14.19
C ARG A 108 2.27 6.61 -15.37
N GLY A 109 3.20 5.69 -15.20
CA GLY A 109 3.42 4.66 -16.22
C GLY A 109 2.21 3.76 -16.47
N ASP A 110 1.49 3.42 -15.42
CA ASP A 110 0.31 2.56 -15.55
C ASP A 110 -0.95 3.31 -15.96
N PHE A 111 -1.07 4.58 -15.58
CA PHE A 111 -2.37 5.26 -15.62
C PHE A 111 -2.43 6.58 -16.39
N ALA A 112 -1.31 7.17 -16.81
CA ALA A 112 -1.34 8.52 -17.37
C ALA A 112 -0.74 8.59 -18.76
N VAL A 113 -1.23 9.53 -19.56
CA VAL A 113 -0.74 9.74 -20.90
C VAL A 113 -0.15 11.14 -21.15
N ASP A 114 -0.73 12.16 -20.53
CA ASP A 114 -0.47 13.56 -20.87
C ASP A 114 0.15 14.26 -19.64
N VAL A 115 1.22 15.01 -19.87
CA VAL A 115 1.94 15.72 -18.79
C VAL A 115 1.03 16.68 -18.03
N GLY A 116 0.04 17.24 -18.70
CA GLY A 116 -0.93 18.12 -18.01
C GLY A 116 -2.05 17.39 -17.28
N ARG A 117 -2.08 16.07 -17.41
CA ARG A 117 -3.04 15.22 -16.72
C ARG A 117 -2.26 14.03 -16.19
N ASN A 118 -1.30 14.31 -15.32
CA ASN A 118 -0.38 13.30 -14.83
C ASN A 118 -0.72 12.81 -13.41
N VAL A 119 -1.99 13.00 -13.01
CA VAL A 119 -2.63 12.17 -11.98
C VAL A 119 -2.23 12.51 -10.54
N CYS A 120 -1.00 12.91 -10.30
CA CYS A 120 -0.48 13.02 -8.94
C CYS A 120 0.70 14.01 -8.87
N HIS A 121 1.06 14.36 -7.63
CA HIS A 121 2.16 15.26 -7.32
C HIS A 121 2.93 14.70 -6.16
N GLY A 122 4.24 14.86 -6.18
CA GLY A 122 5.08 14.55 -5.00
C GLY A 122 6.15 15.62 -4.79
N SER A 123 6.38 16.00 -3.54
CA SER A 123 7.45 16.95 -3.21
C SER A 123 8.77 16.53 -3.85
N ASP A 124 9.57 17.48 -4.32
CA ASP A 124 10.83 17.14 -4.96
C ASP A 124 12.08 17.15 -4.06
N SER A 125 11.99 17.62 -2.83
CA SER A 125 13.14 17.60 -1.91
C SER A 125 12.67 17.62 -0.49
N VAL A 126 13.56 17.32 0.43
CA VAL A 126 13.25 17.39 1.87
C VAL A 126 12.75 18.80 2.22
N GLU A 127 13.44 19.82 1.70
CA GLU A 127 13.07 21.20 1.98
C GLU A 127 11.72 21.58 1.37
N SER A 128 11.48 21.24 0.11
CA SER A 128 10.18 21.56 -0.48
C SER A 128 9.04 20.71 0.16
N ALA A 129 9.34 19.49 0.58
CA ALA A 129 8.39 18.66 1.30
C ALA A 129 7.95 19.36 2.59
N LYS A 130 8.90 19.85 3.36
CA LYS A 130 8.56 20.56 4.60
C LYS A 130 7.68 21.76 4.35
N ARG A 131 8.00 22.53 3.32
CA ARG A 131 7.18 23.68 2.94
C ARG A 131 5.76 23.25 2.52
N GLU A 132 5.68 22.22 1.68
CA GLU A 132 4.37 21.79 1.14
C GLU A 132 3.50 21.21 2.24
N ILE A 133 4.10 20.42 3.11
CA ILE A 133 3.36 19.88 4.21
C ILE A 133 2.78 21.01 5.05
N ALA A 134 3.62 21.98 5.43
CA ALA A 134 3.19 23.12 6.24
C ALA A 134 2.11 23.92 5.52
N PHE A 135 2.20 23.99 4.20
CA PHE A 135 1.24 24.78 3.43
C PHE A 135 -0.15 24.12 3.38
N TRP A 136 -0.20 22.80 3.19
CA TRP A 136 -1.47 22.10 2.98
C TRP A 136 -2.13 21.58 4.23
N PHE A 137 -1.35 21.36 5.27
CA PHE A 137 -1.84 20.71 6.48
C PHE A 137 -1.59 21.60 7.68
N LYS A 138 -2.59 21.69 8.54
CA LYS A 138 -2.38 22.26 9.86
C LYS A 138 -1.75 21.21 10.76
N ALA A 139 -1.08 21.64 11.83
CA ALA A 139 -0.39 20.73 12.72
C ALA A 139 -1.33 19.67 13.27
N GLU A 140 -2.56 20.05 13.61
CA GLU A 140 -3.51 19.12 14.24
C GLU A 140 -4.08 18.12 13.26
N GLU A 141 -3.81 18.30 11.99
CA GLU A 141 -4.27 17.35 11.01
C GLU A 141 -3.28 16.22 10.77
N LEU A 142 -2.06 16.32 11.31
CA LEU A 142 -1.06 15.29 11.18
C LEU A 142 -1.15 14.39 12.40
N VAL A 143 -1.04 13.08 12.20
CA VAL A 143 -1.11 12.17 13.33
C VAL A 143 0.25 11.50 13.55
N SER A 144 0.73 11.58 14.78
CA SER A 144 1.94 10.86 15.22
C SER A 144 1.54 9.50 15.78
N TRP A 145 2.00 8.41 15.18
CA TRP A 145 1.70 7.07 15.65
C TRP A 145 2.80 6.16 15.24
N THR A 146 2.80 4.97 15.81
CA THR A 146 3.82 3.98 15.50
C THR A 146 3.19 2.82 14.78
N SER A 147 3.70 2.51 13.59
CA SER A 147 3.28 1.29 12.88
C SER A 147 3.76 0.06 13.58
N HIS A 148 2.84 -0.87 13.81
CA HIS A 148 3.20 -2.13 14.45
C HIS A 148 4.17 -2.93 13.59
N SER A 149 4.36 -2.54 12.32
CA SER A 149 5.28 -3.23 11.39
C SER A 149 6.66 -2.55 11.23
N VAL A 150 6.93 -1.51 12.00
CA VAL A 150 8.14 -0.71 11.81
C VAL A 150 9.42 -1.54 11.88
N LYS A 151 9.50 -2.50 12.82
CA LYS A 151 10.73 -3.31 12.93
C LYS A 151 10.84 -4.35 11.82
N GLN A 152 9.75 -4.61 11.09
CA GLN A 152 9.78 -5.50 9.95
C GLN A 152 10.23 -4.77 8.69
N ILE A 153 9.99 -3.46 8.64
CA ILE A 153 10.31 -2.62 7.47
C ILE A 153 11.72 -2.00 7.60
N TYR A 154 12.13 -1.68 8.82
CA TYR A 154 13.43 -1.04 9.08
C TYR A 154 14.34 -1.83 9.96
N GLU A 155 15.61 -1.82 9.59
CA GLU A 155 16.65 -2.31 10.42
C GLU A 155 17.01 -1.22 11.42
N PRO B 6 -29.57 9.58 -5.60
CA PRO B 6 -28.11 9.44 -5.67
C PRO B 6 -27.30 10.37 -4.72
N SER B 7 -27.94 11.35 -4.08
CA SER B 7 -27.25 12.23 -3.14
C SER B 7 -27.28 11.70 -1.69
N GLU B 8 -27.83 10.51 -1.45
CA GLU B 8 -27.61 9.84 -0.15
C GLU B 8 -26.09 9.77 0.19
N ARG B 9 -25.80 9.89 1.49
CA ARG B 9 -24.45 9.87 1.99
C ARG B 9 -24.29 8.94 3.21
N THR B 10 -23.12 8.34 3.34
CA THR B 10 -22.84 7.52 4.52
C THR B 10 -21.45 7.77 5.02
N PHE B 11 -21.26 7.48 6.32
CA PHE B 11 -19.96 7.58 6.95
C PHE B 11 -19.35 6.18 6.98
N ILE B 12 -18.14 6.06 6.44
CA ILE B 12 -17.36 4.83 6.49
C ILE B 12 -16.06 5.17 7.21
N ALA B 13 -15.59 4.30 8.10
CA ALA B 13 -14.29 4.49 8.77
C ALA B 13 -13.43 3.25 8.59
N VAL B 14 -12.13 3.45 8.39
CA VAL B 14 -11.15 2.39 8.60
C VAL B 14 -10.74 2.48 10.05
N LYS B 15 -10.99 1.41 10.80
CA LYS B 15 -10.68 1.39 12.24
C LYS B 15 -9.17 1.30 12.44
N PRO B 16 -8.69 1.46 13.68
CA PRO B 16 -7.23 1.47 13.88
C PRO B 16 -6.51 0.23 13.39
N ASP B 17 -7.16 -0.92 13.48
CA ASP B 17 -6.59 -2.17 12.95
C ASP B 17 -6.46 -2.15 11.43
N GLY B 18 -7.47 -1.62 10.75
CA GLY B 18 -7.42 -1.49 9.32
C GLY B 18 -6.32 -0.55 8.82
N VAL B 19 -6.09 0.54 9.52
CA VAL B 19 -4.96 1.45 9.22
C VAL B 19 -3.62 0.76 9.47
N GLN B 20 -3.48 0.17 10.66
CA GLN B 20 -2.27 -0.53 11.01
C GLN B 20 -1.93 -1.65 10.02
N ARG B 21 -2.95 -2.35 9.55
CA ARG B 21 -2.74 -3.47 8.58
C ARG B 21 -2.81 -3.03 7.10
N ASN B 22 -2.72 -1.74 6.85
CA ASN B 22 -2.49 -1.25 5.47
C ASN B 22 -3.65 -1.56 4.54
N LEU B 23 -4.88 -1.40 5.03
CA LEU B 23 -6.05 -1.66 4.26
C LEU B 23 -6.82 -0.40 3.82
N VAL B 24 -6.25 0.79 4.07
CA VAL B 24 -6.93 2.02 3.71
C VAL B 24 -7.16 2.11 2.21
N GLY B 25 -6.08 1.99 1.44
CA GLY B 25 -6.18 2.09 -0.01
C GLY B 25 -7.10 1.05 -0.60
N GLU B 26 -6.99 -0.18 -0.12
CA GLU B 26 -7.86 -1.25 -0.58
C GLU B 26 -9.33 -0.93 -0.35
N ILE B 27 -9.65 -0.39 0.84
CA ILE B 27 -11.03 -0.10 1.14
C ILE B 27 -11.54 1.04 0.24
N ILE B 28 -10.74 2.10 0.12
CA ILE B 28 -11.12 3.25 -0.72
C ILE B 28 -11.36 2.81 -2.18
N LYS B 29 -10.47 1.98 -2.68
CA LYS B 29 -10.57 1.43 -4.06
C LYS B 29 -11.90 0.71 -4.32
N ARG B 30 -12.32 -0.09 -3.35
CA ARG B 30 -13.57 -0.83 -3.50
C ARG B 30 -14.79 0.07 -3.60
N PHE B 31 -14.78 1.15 -2.83
CA PHE B 31 -15.85 2.14 -2.91
C PHE B 31 -15.82 2.96 -4.20
N GLU B 32 -14.63 3.37 -4.61
CA GLU B 32 -14.45 4.01 -5.91
C GLU B 32 -14.91 3.09 -7.03
N ASN B 33 -14.50 1.82 -6.99
CA ASN B 33 -14.80 0.88 -8.08
C ASN B 33 -16.31 0.69 -8.22
N LYS B 34 -16.99 0.70 -7.07
CA LYS B 34 -18.43 0.48 -7.02
C LYS B 34 -19.22 1.60 -7.72
N GLY B 35 -18.65 2.81 -7.76
CA GLY B 35 -19.35 3.92 -8.34
C GLY B 35 -19.69 5.01 -7.33
N TYR B 36 -19.33 4.79 -6.07
CA TYR B 36 -19.66 5.79 -5.03
C TYR B 36 -18.68 6.96 -5.11
N LYS B 37 -19.12 8.15 -4.67
CA LYS B 37 -18.33 9.37 -4.78
C LYS B 37 -17.81 9.85 -3.42
N LEU B 38 -16.50 10.07 -3.32
CA LEU B 38 -15.85 10.49 -2.09
C LEU B 38 -16.05 11.98 -1.89
N VAL B 39 -16.76 12.38 -0.83
CA VAL B 39 -16.99 13.79 -0.53
C VAL B 39 -16.39 14.30 0.81
N GLY B 40 -15.76 13.39 1.58
CA GLY B 40 -15.07 13.78 2.79
C GLY B 40 -14.05 12.71 3.10
N LEU B 41 -12.87 13.11 3.55
CA LEU B 41 -11.83 12.14 3.89
C LEU B 41 -10.89 12.78 4.90
N LYS B 42 -10.62 12.08 5.98
CA LYS B 42 -9.59 12.54 6.90
C LYS B 42 -9.01 11.42 7.74
N LEU B 43 -7.77 11.66 8.15
CA LEU B 43 -7.08 10.80 9.06
C LEU B 43 -7.04 11.51 10.40
N LEU B 44 -7.43 10.82 11.46
CA LEU B 44 -7.43 11.44 12.79
C LEU B 44 -7.36 10.36 13.86
N GLN B 45 -6.89 10.74 15.04
CA GLN B 45 -6.87 9.83 16.19
C GLN B 45 -8.07 10.16 17.04
N PRO B 46 -9.07 9.27 17.09
CA PRO B 46 -10.17 9.58 17.95
C PRO B 46 -9.78 9.79 19.42
N THR B 47 -10.45 10.72 20.08
CA THR B 47 -10.28 10.86 21.52
C THR B 47 -11.15 9.80 22.21
N GLU B 48 -10.88 9.59 23.49
CA GLU B 48 -11.66 8.66 24.28
C GLU B 48 -13.15 9.07 24.28
N GLU B 49 -13.42 10.37 24.37
CA GLU B 49 -14.81 10.85 24.38
C GLU B 49 -15.48 10.56 23.04
N GLN B 50 -14.76 10.76 21.97
CA GLN B 50 -15.28 10.43 20.65
C GLN B 50 -15.58 8.92 20.51
N ALA B 51 -14.68 8.07 21.02
CA ALA B 51 -14.85 6.61 21.00
C ALA B 51 -16.10 6.22 21.78
N LYS B 52 -16.29 6.85 22.95
CA LYS B 52 -17.46 6.54 23.78
C LYS B 52 -18.76 6.82 23.03
N GLN B 53 -18.82 7.98 22.37
CA GLN B 53 -19.98 8.33 21.54
C GLN B 53 -20.19 7.34 20.36
N HIS B 54 -19.11 7.04 19.64
CA HIS B 54 -19.16 6.12 18.51
C HIS B 54 -19.72 4.78 18.90
N TYR B 55 -19.36 4.31 20.07
CA TYR B 55 -19.83 3.02 20.54
C TYR B 55 -20.97 3.16 21.57
N ILE B 56 -21.67 4.28 21.61
CA ILE B 56 -22.61 4.58 22.70
C ILE B 56 -23.69 3.50 22.87
N ASP B 57 -24.19 2.94 21.76
CA ASP B 57 -25.20 1.87 21.81
C ASP B 57 -24.70 0.65 22.53
N LEU B 58 -23.38 0.50 22.65
CA LEU B 58 -22.81 -0.66 23.33
C LEU B 58 -22.29 -0.34 24.76
N ALA B 59 -22.67 0.81 25.32
CA ALA B 59 -22.20 1.27 26.65
C ALA B 59 -22.37 0.23 27.76
N SER B 60 -23.44 -0.58 27.70
CA SER B 60 -23.71 -1.55 28.79
C SER B 60 -23.04 -2.92 28.53
N LYS B 61 -22.39 -3.09 27.38
CA LYS B 61 -21.79 -4.38 27.07
C LYS B 61 -20.48 -4.54 27.79
N PRO B 62 -20.10 -5.79 28.10
CA PRO B 62 -18.88 -5.94 28.90
C PRO B 62 -17.57 -5.61 28.17
N PHE B 63 -17.58 -5.61 26.86
CA PHE B 63 -16.37 -5.30 26.07
C PHE B 63 -16.24 -3.81 25.68
N TYR B 64 -17.14 -2.96 26.19
CA TYR B 64 -17.19 -1.54 25.82
C TYR B 64 -15.90 -0.80 26.12
N SER B 65 -15.43 -0.93 27.33
CA SER B 65 -14.23 -0.21 27.74
C SER B 65 -13.00 -0.59 26.82
N GLY B 66 -12.87 -1.87 26.47
CA GLY B 66 -11.80 -2.34 25.59
C GLY B 66 -11.97 -1.76 24.18
N LEU B 67 -13.19 -1.76 23.69
CA LEU B 67 -13.51 -1.21 22.39
C LEU B 67 -13.16 0.29 22.32
N VAL B 68 -13.55 1.01 23.37
CA VAL B 68 -13.39 2.45 23.43
C VAL B 68 -11.88 2.78 23.47
N SER B 69 -11.16 2.00 24.25
CA SER B 69 -9.72 2.19 24.37
C SER B 69 -9.02 1.91 23.02
N TYR B 70 -9.42 0.83 22.35
CA TYR B 70 -8.78 0.45 21.07
C TYR B 70 -9.10 1.44 19.98
N PHE B 71 -10.35 1.86 19.91
CA PHE B 71 -10.77 2.80 18.89
C PHE B 71 -10.08 4.15 19.02
N SER B 72 -9.67 4.51 20.25
CA SER B 72 -8.95 5.78 20.49
C SER B 72 -7.43 5.60 20.63
N SER B 73 -6.92 4.40 20.29
CA SER B 73 -5.50 4.06 20.51
C SER B 73 -4.59 4.51 19.36
N GLY B 74 -5.18 4.88 18.24
CA GLY B 74 -4.40 5.22 17.06
C GLY B 74 -5.31 5.79 15.97
N PRO B 75 -4.74 6.10 14.80
CA PRO B 75 -5.55 6.75 13.78
C PRO B 75 -6.61 5.86 13.13
N ILE B 76 -7.71 6.51 12.73
CA ILE B 76 -8.67 5.99 11.83
C ILE B 76 -8.68 6.87 10.60
N VAL B 77 -9.25 6.35 9.52
CA VAL B 77 -9.55 7.16 8.35
C VAL B 77 -11.07 7.30 8.26
N GLY B 78 -11.56 8.51 8.38
CA GLY B 78 -12.99 8.77 8.26
C GLY B 78 -13.30 9.17 6.84
N MET B 79 -14.44 8.71 6.33
CA MET B 79 -14.86 9.00 4.94
C MET B 79 -16.34 9.27 4.87
N VAL B 80 -16.72 10.16 3.94
CA VAL B 80 -18.09 10.30 3.58
C VAL B 80 -18.21 9.97 2.11
N TRP B 81 -19.13 9.05 1.79
CA TRP B 81 -19.38 8.60 0.44
C TRP B 81 -20.77 8.93 0.02
N GLU B 82 -20.93 9.26 -1.25
CA GLU B 82 -22.21 9.65 -1.77
C GLU B 82 -22.64 8.75 -2.91
N GLY B 83 -23.91 8.37 -2.94
CA GLY B 83 -24.46 7.61 -4.04
C GLY B 83 -25.81 6.98 -3.71
N LEU B 84 -26.49 6.47 -4.75
CA LEU B 84 -27.79 5.84 -4.58
C LEU B 84 -27.62 4.64 -3.71
N GLY B 85 -28.39 4.57 -2.62
CA GLY B 85 -28.38 3.41 -1.71
C GLY B 85 -27.05 3.18 -0.99
N VAL B 86 -26.26 4.22 -0.84
CA VAL B 86 -24.87 4.07 -0.33
C VAL B 86 -24.79 3.63 1.11
N VAL B 87 -25.77 3.97 1.93
CA VAL B 87 -25.76 3.48 3.29
C VAL B 87 -25.79 1.95 3.33
N LYS B 88 -26.82 1.37 2.73
CA LYS B 88 -26.98 -0.08 2.69
C LYS B 88 -25.86 -0.71 1.82
N GLY B 89 -25.55 -0.07 0.72
CA GLY B 89 -24.56 -0.60 -0.23
C GLY B 89 -23.16 -0.60 0.36
N GLY B 90 -22.84 0.44 1.12
CA GLY B 90 -21.57 0.52 1.80
C GLY B 90 -21.40 -0.66 2.76
N ARG B 91 -22.45 -0.95 3.52
CA ARG B 91 -22.40 -2.06 4.45
C ARG B 91 -22.27 -3.41 3.77
N VAL B 92 -22.92 -3.56 2.63
CA VAL B 92 -22.74 -4.77 1.83
C VAL B 92 -21.25 -4.93 1.39
N LEU B 93 -20.61 -3.85 1.01
CA LEU B 93 -19.17 -3.91 0.67
C LEU B 93 -18.32 -4.34 1.85
N LEU B 94 -18.65 -3.86 3.03
CA LEU B 94 -17.89 -4.18 4.24
C LEU B 94 -18.02 -5.64 4.64
N GLY B 95 -19.22 -6.18 4.46
CA GLY B 95 -19.53 -7.52 4.89
C GLY B 95 -20.18 -7.55 6.26
N ALA B 96 -20.68 -8.72 6.66
CA ALA B 96 -21.34 -8.88 7.94
C ALA B 96 -20.40 -8.40 9.08
N THR B 97 -21.00 -7.82 10.12
CA THR B 97 -20.28 -7.24 11.27
C THR B 97 -19.28 -8.18 11.92
N ASN B 98 -19.74 -9.41 12.13
CA ASN B 98 -18.90 -10.45 12.64
C ASN B 98 -18.23 -11.18 11.48
N PRO B 99 -16.90 -11.09 11.41
CA PRO B 99 -16.20 -11.71 10.30
C PRO B 99 -16.48 -13.21 10.13
N ALA B 100 -16.83 -13.92 11.18
CA ALA B 100 -17.28 -15.32 11.02
C ALA B 100 -18.45 -15.47 10.04
N ASP B 101 -19.27 -14.42 9.92
CA ASP B 101 -20.43 -14.42 9.02
C ASP B 101 -20.13 -13.77 7.65
N SER B 102 -19.01 -13.06 7.54
CA SER B 102 -18.70 -12.27 6.32
C SER B 102 -18.30 -13.20 5.18
N LEU B 103 -18.72 -12.87 3.98
CA LEU B 103 -18.40 -13.67 2.82
C LEU B 103 -17.19 -13.14 2.09
N PRO B 104 -16.39 -14.04 1.53
CA PRO B 104 -15.33 -13.64 0.64
C PRO B 104 -15.86 -12.73 -0.43
N GLY B 105 -15.05 -11.75 -0.79
CA GLY B 105 -15.43 -10.70 -1.67
C GLY B 105 -15.70 -9.42 -0.91
N THR B 106 -16.14 -9.52 0.32
CA THR B 106 -16.34 -8.35 1.16
C THR B 106 -15.04 -8.02 1.91
N ILE B 107 -14.97 -6.81 2.42
CA ILE B 107 -13.78 -6.35 3.14
C ILE B 107 -13.50 -7.23 4.38
N ARG B 108 -14.52 -7.44 5.22
CA ARG B 108 -14.32 -8.30 6.35
C ARG B 108 -14.15 -9.77 5.97
N GLY B 109 -14.83 -10.21 4.94
CA GLY B 109 -14.69 -11.61 4.46
C GLY B 109 -13.29 -11.91 3.94
N ASP B 110 -12.66 -10.92 3.31
CA ASP B 110 -11.33 -11.08 2.76
C ASP B 110 -10.22 -10.84 3.79
N PHE B 111 -10.46 -9.99 4.78
CA PHE B 111 -9.39 -9.48 5.62
C PHE B 111 -9.53 -9.58 7.14
N ALA B 112 -10.68 -10.00 7.67
CA ALA B 112 -10.85 -9.97 9.14
C ALA B 112 -11.22 -11.33 9.70
N VAL B 113 -10.85 -11.56 10.94
CA VAL B 113 -11.17 -12.80 11.63
C VAL B 113 -12.01 -12.60 12.91
N ASP B 114 -11.80 -11.49 13.62
CA ASP B 114 -12.32 -11.30 15.00
C ASP B 114 -13.28 -10.09 15.00
N VAL B 115 -14.46 -10.27 15.58
CA VAL B 115 -15.49 -9.22 15.62
C VAL B 115 -14.98 -7.96 16.29
N GLY B 116 -14.09 -8.10 17.26
CA GLY B 116 -13.46 -6.95 17.92
C GLY B 116 -12.31 -6.30 17.13
N ARG B 117 -11.92 -6.90 16.00
CA ARG B 117 -10.90 -6.32 15.11
C ARG B 117 -11.41 -6.51 13.68
N ASN B 118 -12.52 -5.85 13.38
CA ASN B 118 -13.22 -6.05 12.13
C ASN B 118 -13.01 -4.93 11.16
N VAL B 119 -11.89 -4.21 11.32
CA VAL B 119 -11.24 -3.45 10.27
C VAL B 119 -11.92 -2.10 9.88
N CYS B 120 -13.24 -2.02 9.95
CA CYS B 120 -13.96 -0.91 9.37
C CYS B 120 -15.33 -0.75 9.98
N HIS B 121 -15.97 0.37 9.68
CA HIS B 121 -17.29 0.71 10.19
C HIS B 121 -18.07 1.36 9.07
N GLY B 122 -19.37 1.09 9.03
CA GLY B 122 -20.28 1.86 8.19
C GLY B 122 -21.59 2.19 8.91
N SER B 123 -22.08 3.41 8.69
CA SER B 123 -23.35 3.83 9.26
C SER B 123 -24.46 2.82 8.95
N ASP B 124 -25.35 2.60 9.91
CA ASP B 124 -26.38 1.57 9.74
C ASP B 124 -27.71 2.06 9.18
N SER B 125 -27.88 3.36 9.02
CA SER B 125 -29.11 3.90 8.44
C SER B 125 -28.86 5.28 7.91
N VAL B 126 -29.79 5.79 7.12
CA VAL B 126 -29.76 7.17 6.65
C VAL B 126 -29.65 8.16 7.82
N GLU B 127 -30.48 7.94 8.85
CA GLU B 127 -30.43 8.82 10.00
C GLU B 127 -29.11 8.75 10.77
N SER B 128 -28.63 7.54 11.04
CA SER B 128 -27.38 7.43 11.82
C SER B 128 -26.20 7.93 10.97
N ALA B 129 -26.28 7.76 9.64
CA ALA B 129 -25.30 8.35 8.72
C ALA B 129 -25.24 9.88 8.88
N LYS B 130 -26.39 10.54 8.83
CA LYS B 130 -26.42 11.98 8.99
C LYS B 130 -25.80 12.43 10.32
N ARG B 131 -26.13 11.73 11.39
CA ARG B 131 -25.53 12.02 12.71
C ARG B 131 -24.02 11.81 12.72
N GLU B 132 -23.58 10.70 12.14
CA GLU B 132 -22.15 10.35 12.16
C GLU B 132 -21.33 11.33 11.30
N ILE B 133 -21.86 11.67 10.14
CA ILE B 133 -21.22 12.65 9.27
C ILE B 133 -21.08 13.98 10.02
N ALA B 134 -22.17 14.46 10.61
CA ALA B 134 -22.14 15.71 11.42
C ALA B 134 -21.15 15.63 12.60
N PHE B 135 -21.02 14.44 13.19
CA PHE B 135 -20.12 14.27 14.35
C PHE B 135 -18.64 14.33 13.93
N TRP B 136 -18.28 13.69 12.83
CA TRP B 136 -16.87 13.55 12.44
C TRP B 136 -16.34 14.61 11.54
N PHE B 137 -17.23 15.33 10.86
CA PHE B 137 -16.82 16.34 9.87
C PHE B 137 -17.44 17.70 10.13
N LYS B 138 -16.66 18.75 9.99
CA LYS B 138 -17.23 20.10 9.96
C LYS B 138 -17.73 20.41 8.56
N ALA B 139 -18.66 21.35 8.47
CA ALA B 139 -19.31 21.69 7.21
C ALA B 139 -18.29 21.98 6.10
N GLU B 140 -17.27 22.73 6.47
CA GLU B 140 -16.27 23.19 5.52
C GLU B 140 -15.31 22.09 5.11
N GLU B 141 -15.36 20.94 5.74
CA GLU B 141 -14.52 19.83 5.36
C GLU B 141 -15.14 18.91 4.28
N LEU B 142 -16.42 19.10 3.93
CA LEU B 142 -17.02 18.24 2.91
C LEU B 142 -16.81 18.92 1.59
N VAL B 143 -16.59 18.16 0.51
CA VAL B 143 -16.40 18.74 -0.79
C VAL B 143 -17.49 18.30 -1.74
N SER B 144 -18.19 19.27 -2.30
CA SER B 144 -19.20 18.94 -3.27
C SER B 144 -18.59 19.12 -4.69
N TRP B 145 -18.73 18.09 -5.52
CA TRP B 145 -18.20 18.10 -6.87
C TRP B 145 -19.01 17.12 -7.69
N THR B 146 -18.84 17.20 -9.01
CA THR B 146 -19.58 16.34 -9.93
C THR B 146 -18.61 15.38 -10.59
N SER B 147 -18.85 14.09 -10.40
CA SER B 147 -18.08 13.08 -11.08
C SER B 147 -18.37 13.16 -12.57
N HIS B 148 -17.30 13.20 -13.36
CA HIS B 148 -17.42 13.15 -14.79
C HIS B 148 -18.08 11.86 -15.25
N SER B 149 -18.17 10.86 -14.37
CA SER B 149 -18.75 9.55 -14.70
C SER B 149 -20.20 9.35 -14.23
N VAL B 150 -20.82 10.40 -13.70
CA VAL B 150 -22.17 10.25 -13.08
C VAL B 150 -23.21 9.68 -14.06
N LYS B 151 -23.21 10.09 -15.33
CA LYS B 151 -24.19 9.57 -16.28
C LYS B 151 -23.88 8.16 -16.75
N GLN B 152 -22.67 7.67 -16.48
CA GLN B 152 -22.33 6.29 -16.78
C GLN B 152 -22.75 5.37 -15.65
N ILE B 153 -22.84 5.91 -14.44
CA ILE B 153 -23.17 5.12 -13.26
C ILE B 153 -24.69 5.14 -12.96
N TYR B 154 -25.36 6.26 -13.28
CA TYR B 154 -26.79 6.46 -13.03
C TYR B 154 -27.59 6.74 -14.25
N GLU B 155 -28.76 6.11 -14.28
CA GLU B 155 -29.79 6.45 -15.23
C GLU B 155 -30.57 7.60 -14.64
N MET C 5 19.28 -23.32 -21.36
CA MET C 5 18.32 -24.48 -21.19
C MET C 5 17.17 -24.19 -20.22
N PRO C 6 15.94 -24.60 -20.57
CA PRO C 6 14.79 -24.43 -19.69
C PRO C 6 14.83 -25.23 -18.36
N SER C 7 15.79 -26.14 -18.19
CA SER C 7 15.90 -26.89 -16.96
C SER C 7 16.82 -26.22 -15.94
N GLU C 8 17.35 -25.03 -16.24
CA GLU C 8 18.00 -24.23 -15.21
C GLU C 8 17.10 -24.04 -13.97
N ARG C 9 17.75 -24.00 -12.81
CA ARG C 9 17.07 -23.86 -11.53
C ARG C 9 17.70 -22.80 -10.66
N THR C 10 16.90 -22.15 -9.82
CA THR C 10 17.43 -21.22 -8.85
C THR C 10 16.75 -21.39 -7.52
N PHE C 11 17.42 -20.93 -6.48
CA PHE C 11 16.86 -20.89 -5.14
C PHE C 11 16.36 -19.47 -4.87
N ILE C 12 15.10 -19.36 -4.49
CA ILE C 12 14.52 -18.10 -4.07
C ILE C 12 14.01 -18.31 -2.65
N ALA C 13 14.23 -17.33 -1.78
CA ALA C 13 13.68 -17.39 -0.42
C ALA C 13 12.87 -16.14 -0.18
N VAL C 14 11.76 -16.29 0.54
CA VAL C 14 11.12 -15.17 1.21
C VAL C 14 11.81 -15.08 2.58
N LYS C 15 12.45 -13.96 2.85
CA LYS C 15 13.13 -13.77 4.12
C LYS C 15 12.13 -13.57 5.28
N PRO C 16 12.61 -13.57 6.54
CA PRO C 16 11.65 -13.47 7.66
C PRO C 16 10.71 -12.26 7.61
N ASP C 17 11.20 -11.13 7.09
CA ASP C 17 10.39 -9.92 6.98
C ASP C 17 9.28 -10.08 5.97
N GLY C 18 9.58 -10.75 4.86
CA GLY C 18 8.60 -11.08 3.85
C GLY C 18 7.50 -12.00 4.34
N VAL C 19 7.86 -13.01 5.16
CA VAL C 19 6.87 -13.89 5.77
C VAL C 19 5.99 -13.09 6.75
N GLN C 20 6.63 -12.35 7.65
CA GLN C 20 5.94 -11.54 8.64
C GLN C 20 4.97 -10.53 8.00
N ARG C 21 5.38 -9.97 6.86
CA ARG C 21 4.55 -8.97 6.17
C ARG C 21 3.61 -9.57 5.12
N ASN C 22 3.42 -10.90 5.15
CA ASN C 22 2.39 -11.56 4.31
C ASN C 22 2.65 -11.40 2.81
N LEU C 23 3.89 -11.54 2.40
CA LEU C 23 4.27 -11.41 1.00
C LEU C 23 4.57 -12.77 0.33
N VAL C 24 4.35 -13.88 1.04
CA VAL C 24 4.69 -15.20 0.47
C VAL C 24 3.88 -15.49 -0.79
N GLY C 25 2.57 -15.37 -0.68
CA GLY C 25 1.67 -15.62 -1.84
C GLY C 25 1.95 -14.70 -2.99
N GLU C 26 2.10 -13.42 -2.70
CA GLU C 26 2.43 -12.44 -3.73
C GLU C 26 3.72 -12.80 -4.49
N ILE C 27 4.75 -13.21 -3.77
CA ILE C 27 6.01 -13.53 -4.40
C ILE C 27 5.86 -14.79 -5.30
N ILE C 28 5.21 -15.83 -4.77
CA ILE C 28 4.98 -17.07 -5.52
C ILE C 28 4.18 -16.79 -6.82
N LYS C 29 3.14 -15.98 -6.70
CA LYS C 29 2.31 -15.59 -7.84
C LYS C 29 3.13 -14.97 -8.97
N ARG C 30 4.04 -14.08 -8.62
CA ARG C 30 4.84 -13.42 -9.63
C ARG C 30 5.71 -14.40 -10.43
N PHE C 31 6.24 -15.41 -9.73
CA PHE C 31 7.06 -16.42 -10.37
C PHE C 31 6.20 -17.36 -11.24
N GLU C 32 5.03 -17.74 -10.72
CA GLU C 32 4.08 -18.52 -11.50
C GLU C 32 3.63 -17.76 -12.74
N ASN C 33 3.29 -16.48 -12.56
CA ASN C 33 2.79 -15.68 -13.67
C ASN C 33 3.83 -15.55 -14.77
N LYS C 34 5.10 -15.48 -14.39
CA LYS C 34 6.21 -15.35 -15.34
C LYS C 34 6.40 -16.58 -16.22
N GLY C 35 5.97 -17.73 -15.75
CA GLY C 35 6.15 -18.96 -16.50
C GLY C 35 7.12 -19.91 -15.85
N TYR C 36 7.67 -19.53 -14.70
CA TYR C 36 8.64 -20.40 -14.05
C TYR C 36 7.91 -21.52 -13.33
N LYS C 37 8.58 -22.65 -13.17
CA LYS C 37 7.97 -23.83 -12.58
C LYS C 37 8.49 -24.10 -11.17
N LEU C 38 7.57 -24.28 -10.21
CA LEU C 38 7.91 -24.56 -8.81
C LEU C 38 8.24 -26.03 -8.64
N VAL C 39 9.49 -26.33 -8.28
CA VAL C 39 9.93 -27.73 -8.08
C VAL C 39 10.36 -28.06 -6.64
N GLY C 40 10.41 -27.05 -5.78
CA GLY C 40 10.69 -27.27 -4.34
C GLY C 40 10.09 -26.12 -3.55
N LEU C 41 9.52 -26.42 -2.39
CA LEU C 41 8.90 -25.41 -1.56
C LEU C 41 8.84 -25.90 -0.12
N LYS C 42 9.31 -25.08 0.81
CA LYS C 42 9.16 -25.38 2.19
C LYS C 42 9.26 -24.15 3.09
N LEU C 43 8.58 -24.23 4.21
CA LEU C 43 8.67 -23.26 5.28
C LEU C 43 9.63 -23.82 6.31
N LEU C 44 10.59 -23.04 6.74
CA LEU C 44 11.58 -23.53 7.69
C LEU C 44 12.16 -22.35 8.46
N GLN C 45 12.72 -22.67 9.60
CA GLN C 45 13.34 -21.69 10.46
C GLN C 45 14.83 -21.86 10.35
N PRO C 46 15.53 -20.97 9.62
CA PRO C 46 16.97 -21.18 9.56
C PRO C 46 17.65 -21.07 10.92
N THR C 47 18.70 -21.87 11.13
CA THR C 47 19.55 -21.67 12.30
C THR C 47 20.59 -20.58 12.00
N GLU C 48 21.24 -20.08 13.05
CA GLU C 48 22.27 -19.09 12.83
C GLU C 48 23.40 -19.67 12.00
N GLU C 49 23.75 -20.92 12.25
CA GLU C 49 24.84 -21.53 11.50
C GLU C 49 24.51 -21.67 10.03
N GLN C 50 23.26 -22.04 9.73
CA GLN C 50 22.80 -22.12 8.37
C GLN C 50 22.88 -20.77 7.68
N ALA C 51 22.43 -19.71 8.36
CA ALA C 51 22.51 -18.36 7.82
C ALA C 51 23.98 -17.96 7.52
N LYS C 52 24.88 -18.28 8.47
CA LYS C 52 26.31 -17.98 8.28
C LYS C 52 26.87 -18.65 7.02
N GLN C 53 26.52 -19.92 6.81
CA GLN C 53 27.03 -20.66 5.62
C GLN C 53 26.43 -20.12 4.32
N HIS C 54 25.12 -19.87 4.35
CA HIS C 54 24.43 -19.33 3.20
C HIS C 54 25.05 -18.04 2.75
N TYR C 55 25.46 -17.19 3.70
CA TYR C 55 26.06 -15.88 3.41
C TYR C 55 27.59 -15.84 3.62
N ILE C 56 28.24 -17.00 3.58
CA ILE C 56 29.65 -17.12 3.95
C ILE C 56 30.57 -16.15 3.16
N ASP C 57 30.29 -15.94 1.88
CA ASP C 57 31.05 -15.01 1.06
C ASP C 57 31.11 -13.62 1.65
N LEU C 58 30.14 -13.27 2.49
CA LEU C 58 30.02 -11.92 3.03
C LEU C 58 30.47 -11.80 4.50
N ALA C 59 31.17 -12.84 4.99
CA ALA C 59 31.68 -12.90 6.39
C ALA C 59 32.47 -11.66 6.83
N SER C 60 33.20 -11.01 5.92
CA SER C 60 34.02 -9.84 6.32
C SER C 60 33.23 -8.53 6.33
N LYS C 61 32.01 -8.54 5.82
CA LYS C 61 31.29 -7.28 5.65
C LYS C 61 30.74 -6.82 6.99
N PRO C 62 30.62 -5.50 7.18
CA PRO C 62 30.17 -5.02 8.49
C PRO C 62 28.71 -5.38 8.84
N PHE C 63 27.88 -5.68 7.85
CA PHE C 63 26.46 -6.02 8.11
C PHE C 63 26.23 -7.53 8.34
N TYR C 64 27.29 -8.32 8.31
CA TYR C 64 27.18 -9.80 8.32
C TYR C 64 26.50 -10.34 9.56
N SER C 65 26.96 -9.91 10.74
CA SER C 65 26.37 -10.39 11.98
C SER C 65 24.89 -10.10 12.04
N GLY C 66 24.50 -8.89 11.66
CA GLY C 66 23.10 -8.50 11.66
C GLY C 66 22.29 -9.33 10.67
N LEU C 67 22.85 -9.53 9.49
CA LEU C 67 22.19 -10.33 8.44
C LEU C 67 21.93 -11.75 8.90
N VAL C 68 22.97 -12.35 9.46
CA VAL C 68 22.92 -13.74 9.89
C VAL C 68 21.88 -13.89 11.01
N SER C 69 21.89 -12.95 11.94
CA SER C 69 20.96 -12.97 13.05
CA SER C 69 20.95 -12.98 13.06
C SER C 69 19.52 -12.82 12.55
N TYR C 70 19.32 -11.88 11.64
CA TYR C 70 17.98 -11.57 11.18
C TYR C 70 17.42 -12.69 10.34
N PHE C 71 18.26 -13.26 9.48
CA PHE C 71 17.84 -14.37 8.60
C PHE C 71 17.44 -15.58 9.40
N SER C 72 18.01 -15.74 10.60
CA SER C 72 17.67 -16.85 11.46
C SER C 72 16.68 -16.50 12.60
N SER C 73 16.06 -15.33 12.52
CA SER C 73 15.20 -14.85 13.60
C SER C 73 13.77 -15.37 13.51
N GLY C 74 13.40 -15.95 12.37
CA GLY C 74 12.04 -16.45 12.19
C GLY C 74 11.95 -17.25 10.89
N PRO C 75 10.75 -17.71 10.52
CA PRO C 75 10.65 -18.60 9.34
C PRO C 75 10.96 -17.88 8.06
N ILE C 76 11.51 -18.63 7.13
CA ILE C 76 11.57 -18.25 5.71
C ILE C 76 10.75 -19.26 4.91
N VAL C 77 10.45 -18.92 3.67
CA VAL C 77 9.94 -19.87 2.70
C VAL C 77 11.05 -20.07 1.68
N GLY C 78 11.55 -21.28 1.56
CA GLY C 78 12.54 -21.61 0.56
C GLY C 78 11.85 -22.19 -0.65
N MET C 79 12.35 -21.83 -1.84
CA MET C 79 11.77 -22.30 -3.11
C MET C 79 12.85 -22.67 -4.11
N VAL C 80 12.56 -23.64 -4.96
CA VAL C 80 13.37 -23.90 -6.13
C VAL C 80 12.45 -23.69 -7.36
N TRP C 81 12.88 -22.80 -8.27
CA TRP C 81 12.16 -22.51 -9.50
C TRP C 81 12.96 -22.95 -10.69
N GLU C 82 12.25 -23.42 -11.71
CA GLU C 82 12.91 -23.98 -12.90
C GLU C 82 12.44 -23.24 -14.12
N GLY C 83 13.36 -22.91 -15.01
CA GLY C 83 13.02 -22.30 -16.29
C GLY C 83 14.21 -21.68 -16.98
N LEU C 84 14.01 -21.33 -18.24
CA LEU C 84 15.06 -20.74 -19.07
C LEU C 84 15.47 -19.42 -18.43
N GLY C 85 16.75 -19.28 -18.13
CA GLY C 85 17.30 -18.04 -17.59
C GLY C 85 16.77 -17.67 -16.21
N VAL C 86 16.28 -18.66 -15.47
CA VAL C 86 15.59 -18.40 -14.21
C VAL C 86 16.50 -17.77 -13.12
N VAL C 87 17.78 -18.07 -13.12
CA VAL C 87 18.66 -17.45 -12.11
C VAL C 87 18.66 -15.93 -12.26
N LYS C 88 19.00 -15.47 -13.46
CA LYS C 88 19.03 -14.04 -13.76
C LYS C 88 17.64 -13.46 -13.75
N GLY C 89 16.70 -14.19 -14.34
CA GLY C 89 15.32 -13.70 -14.45
C GLY C 89 14.63 -13.62 -13.09
N GLY C 90 14.90 -14.56 -12.22
CA GLY C 90 14.37 -14.50 -10.86
C GLY C 90 14.81 -13.24 -10.14
N ARG C 91 16.10 -12.91 -10.23
CA ARG C 91 16.64 -11.70 -9.62
C ARG C 91 16.06 -10.45 -10.20
N VAL C 92 15.80 -10.44 -11.49
CA VAL C 92 15.09 -9.31 -12.08
C VAL C 92 13.68 -9.14 -11.44
N LEU C 93 12.98 -10.25 -11.19
CA LEU C 93 11.66 -10.16 -10.55
C LEU C 93 11.77 -9.58 -9.16
N LEU C 94 12.81 -9.96 -8.44
CA LEU C 94 13.04 -9.45 -7.09
C LEU C 94 13.37 -7.98 -7.05
N GLY C 95 14.12 -7.50 -8.02
CA GLY C 95 14.55 -6.13 -8.08
C GLY C 95 15.93 -5.94 -7.42
N ALA C 96 16.48 -4.75 -7.55
CA ALA C 96 17.84 -4.44 -7.03
C ALA C 96 17.93 -4.80 -5.57
N THR C 97 19.10 -5.26 -5.14
CA THR C 97 19.35 -5.68 -3.76
C THR C 97 18.95 -4.65 -2.74
N ASN C 98 19.37 -3.43 -2.98
CA ASN C 98 18.95 -2.31 -2.14
C ASN C 98 17.66 -1.73 -2.70
N PRO C 99 16.58 -1.83 -1.92
CA PRO C 99 15.33 -1.31 -2.35
C PRO C 99 15.32 0.13 -2.79
N ALA C 100 16.21 0.98 -2.27
CA ALA C 100 16.31 2.36 -2.79
C ALA C 100 16.53 2.38 -4.31
N ASP C 101 17.16 1.31 -4.84
CA ASP C 101 17.53 1.22 -6.27
C ASP C 101 16.55 0.35 -7.08
N SER C 102 15.63 -0.33 -6.40
CA SER C 102 14.67 -1.22 -7.03
CA SER C 102 14.69 -1.23 -7.08
C SER C 102 13.59 -0.41 -7.75
N LEU C 103 13.12 -0.90 -8.87
CA LEU C 103 12.08 -0.22 -9.61
C LEU C 103 10.68 -0.78 -9.29
N PRO C 104 9.68 0.09 -9.27
CA PRO C 104 8.31 -0.35 -9.22
C PRO C 104 8.03 -1.39 -10.29
N GLY C 105 7.24 -2.39 -9.92
CA GLY C 105 7.03 -3.57 -10.72
C GLY C 105 7.78 -4.76 -10.18
N THR C 106 8.91 -4.52 -9.53
CA THR C 106 9.62 -5.60 -8.88
C THR C 106 9.16 -5.77 -7.44
N ILE C 107 9.49 -6.91 -6.85
CA ILE C 107 9.08 -7.22 -5.49
C ILE C 107 9.62 -6.21 -4.52
N ARG C 108 10.92 -5.95 -4.55
CA ARG C 108 11.51 -4.95 -3.67
C ARG C 108 11.08 -3.52 -4.02
N GLY C 109 10.93 -3.23 -5.30
CA GLY C 109 10.42 -1.92 -5.73
C GLY C 109 9.02 -1.61 -5.23
N ASP C 110 8.15 -2.62 -5.20
CA ASP C 110 6.77 -2.45 -4.73
C ASP C 110 6.62 -2.54 -3.23
N PHE C 111 7.47 -3.30 -2.56
CA PHE C 111 7.21 -3.67 -1.16
C PHE C 111 8.31 -3.43 -0.14
N ALA C 112 9.50 -2.99 -0.54
CA ALA C 112 10.59 -2.85 0.46
C ALA C 112 11.24 -1.47 0.46
N VAL C 113 11.77 -1.09 1.62
CA VAL C 113 12.42 0.21 1.77
C VAL C 113 13.90 0.13 2.17
N ASP C 114 14.28 -0.87 2.96
CA ASP C 114 15.57 -0.90 3.65
C ASP C 114 16.33 -2.16 3.23
N VAL C 115 17.62 -1.98 2.88
CA VAL C 115 18.47 -3.08 2.36
C VAL C 115 18.53 -4.25 3.34
N GLY C 116 18.41 -3.97 4.63
CA GLY C 116 18.43 -5.01 5.66
C GLY C 116 17.07 -5.66 5.89
N ARG C 117 16.05 -5.14 5.21
CA ARG C 117 14.70 -5.73 5.27
C ARG C 117 14.16 -5.75 3.84
N ASN C 118 14.88 -6.48 2.98
CA ASN C 118 14.60 -6.48 1.57
C ASN C 118 13.84 -7.73 1.10
N VAL C 119 13.17 -8.40 2.05
CA VAL C 119 12.01 -9.26 1.77
C VAL C 119 12.34 -10.65 1.21
N CYS C 120 13.40 -10.76 0.43
CA CYS C 120 13.64 -11.96 -0.34
C CYS C 120 15.12 -12.13 -0.71
N HIS C 121 15.45 -13.32 -1.24
CA HIS C 121 16.78 -13.68 -1.69
C HIS C 121 16.65 -14.45 -2.97
N GLY C 122 17.57 -14.23 -3.89
CA GLY C 122 17.75 -15.11 -5.04
C GLY C 122 19.21 -15.41 -5.34
N SER C 123 19.48 -16.64 -5.71
CA SER C 123 20.82 -17.06 -6.10
C SER C 123 21.39 -16.13 -7.14
N ASP C 124 22.69 -15.84 -7.06
CA ASP C 124 23.29 -14.89 -8.00
C ASP C 124 23.96 -15.48 -9.23
N SER C 125 24.04 -16.80 -9.32
CA SER C 125 24.60 -17.45 -10.49
C SER C 125 24.13 -18.88 -10.57
N VAL C 126 24.33 -19.50 -11.73
CA VAL C 126 24.05 -20.91 -11.91
C VAL C 126 24.77 -21.75 -10.86
N GLU C 127 26.05 -21.46 -10.66
CA GLU C 127 26.86 -22.24 -9.71
C GLU C 127 26.39 -22.03 -8.26
N SER C 128 26.13 -20.79 -7.85
CA SER C 128 25.68 -20.57 -6.47
C SER C 128 24.25 -21.11 -6.28
N ALA C 129 23.43 -21.07 -7.34
CA ALA C 129 22.09 -21.69 -7.31
C ALA C 129 22.20 -23.18 -7.00
N LYS C 130 23.09 -23.87 -7.71
CA LYS C 130 23.26 -25.30 -7.49
C LYS C 130 23.68 -25.61 -6.05
N ARG C 131 24.62 -24.83 -5.54
CA ARG C 131 25.04 -24.95 -4.15
C ARG C 131 23.90 -24.67 -3.16
N GLU C 132 23.17 -23.59 -3.39
CA GLU C 132 22.08 -23.22 -2.48
C GLU C 132 20.93 -24.24 -2.48
N ILE C 133 20.58 -24.73 -3.66
CA ILE C 133 19.53 -25.75 -3.78
C ILE C 133 19.95 -27.00 -3.02
N ALA C 134 21.18 -27.48 -3.24
CA ALA C 134 21.71 -28.68 -2.53
C ALA C 134 21.77 -28.44 -1.02
N PHE C 135 22.04 -27.20 -0.60
CA PHE C 135 22.15 -26.88 0.82
C PHE C 135 20.79 -26.92 1.52
N TRP C 136 19.78 -26.34 0.89
CA TRP C 136 18.47 -26.19 1.55
C TRP C 136 17.49 -27.33 1.35
N PHE C 137 17.68 -28.12 0.30
CA PHE C 137 16.78 -29.19 -0.09
C PHE C 137 17.47 -30.55 -0.23
N LYS C 138 16.87 -31.61 0.30
CA LYS C 138 17.32 -32.97 0.02
C LYS C 138 16.77 -33.40 -1.35
N ALA C 139 17.41 -34.38 -1.96
CA ALA C 139 17.09 -34.85 -3.29
C ALA C 139 15.60 -35.24 -3.37
N GLU C 140 15.12 -35.93 -2.33
CA GLU C 140 13.77 -36.43 -2.33
C GLU C 140 12.72 -35.35 -2.11
N GLU C 141 13.15 -34.14 -1.76
CA GLU C 141 12.22 -33.05 -1.51
C GLU C 141 11.88 -32.26 -2.78
N LEU C 142 12.59 -32.48 -3.87
CA LEU C 142 12.32 -31.77 -5.10
C LEU C 142 11.29 -32.58 -5.84
N VAL C 143 10.41 -31.93 -6.57
CA VAL C 143 9.44 -32.65 -7.35
C VAL C 143 9.64 -32.36 -8.83
N SER C 144 9.81 -33.41 -9.60
CA SER C 144 9.92 -33.27 -11.04
C SER C 144 8.57 -33.50 -11.61
N TRP C 145 8.11 -32.57 -12.43
CA TRP C 145 6.84 -32.72 -13.13
C TRP C 145 6.90 -31.89 -14.37
N THR C 146 5.94 -32.12 -15.25
CA THR C 146 5.87 -31.39 -16.48
C THR C 146 4.69 -30.44 -16.43
N SER C 147 4.94 -29.16 -16.63
CA SER C 147 3.84 -28.21 -16.76
C SER C 147 3.08 -28.47 -18.03
N HIS C 148 1.75 -28.52 -17.92
CA HIS C 148 0.88 -28.69 -19.06
C HIS C 148 0.99 -27.51 -20.00
N SER C 149 1.59 -26.41 -19.53
CA SER C 149 1.76 -25.18 -20.32
C SER C 149 3.16 -24.99 -20.93
N VAL C 150 4.03 -26.00 -20.80
CA VAL C 150 5.44 -25.87 -21.27
C VAL C 150 5.54 -25.49 -22.77
N LYS C 151 4.70 -26.03 -23.63
CA LYS C 151 4.78 -25.70 -25.06
C LYS C 151 4.16 -24.34 -25.39
N GLN C 152 3.41 -23.75 -24.47
CA GLN C 152 2.91 -22.40 -24.62
C GLN C 152 3.95 -21.37 -24.17
N ILE C 153 4.81 -21.75 -23.23
CA ILE C 153 5.83 -20.87 -22.68
C ILE C 153 7.14 -20.91 -23.48
N TYR C 154 7.46 -22.09 -24.02
CA TYR C 154 8.72 -22.29 -24.75
C TYR C 154 8.47 -22.71 -26.21
N GLU C 155 9.20 -22.09 -27.13
CA GLU C 155 9.16 -22.50 -28.52
C GLU C 155 9.66 -23.94 -28.73
N ARG C 156 10.80 -24.30 -28.13
CA ARG C 156 11.27 -25.71 -28.07
C ARG C 156 11.28 -26.23 -26.63
#